data_6S0B
#
_entry.id   6S0B
#
_cell.length_a   71.471
_cell.length_b   71.497
_cell.length_c   134.182
_cell.angle_alpha   90.000
_cell.angle_beta   90.000
_cell.angle_gamma   90.000
#
_symmetry.space_group_name_H-M   'P 21 21 21'
#
loop_
_entity.id
_entity.type
_entity.pdbx_description
1 polymer Properdin
2 polymer Properdin
3 polymer 'Complement C3'
4 branched beta-D-glucopyranose-(1-3)-alpha-L-fucopyranose
5 non-polymer alpha-D-mannopyranose
6 non-polymer 2-acetamido-2-deoxy-beta-D-glucopyranose
7 water water
#
loop_
_entity_poly.entity_id
_entity_poly.type
_entity_poly.pdbx_seq_one_letter_code
_entity_poly.pdbx_strand_id
1 'polypeptide(L)'
;GSVAGGWGPWGPVSPCPVTCGLGQTMEQRTCNHPVPQHGGPFCAGDATRTHICNTAVPCPVDGEWDSWGEWSPCIRRNMK
SISCQEIPGQQSRGRTCRGRKFDGHRCAGQQQDIRHCYSIQHCPLKGSWSEWSTWGLCMPPCGPNPTRARQRLCTPLLPK
YPPTVSMVEGQGEKNVTFWGRPLPRCEELQGQKLVVEEKRPCLHVPACKDPEEEELAAAHHHHHH
;
A
2 'polypeptide(L)'
;GSDPVLCFTQYEESSGKCKGLLGGGVSVEDCCLNTAFAYQKRSGGLCQPCRSPRWSLWSTWAPCSVTCSEGSQLRYRRCV
GWNGQCSGKVAPGTLEWQLQACEDQQCAAA
;
B
3 'polypeptide(L)'
;GSNCFIQKSDDKVTLEERLDKACEPGVDYVYKTRLVKVQLSNDFDEYIMAIEQTIKSGSDEVQVGQQRTFISPIKCREAL
KLEEKKHYLMWGLSSDFWGEKPNLSYIIGKDTWVEHWPEEDECQDEENQKQCQDLGAFTESMVVFGCPN
;
C
#
# COMPACT_ATOMS: atom_id res chain seq x y z
N GLY A 1 54.67 -16.49 -44.79
CA GLY A 1 55.95 -16.34 -44.05
C GLY A 1 55.73 -16.01 -42.58
N SER A 2 55.36 -17.02 -41.78
CA SER A 2 55.05 -16.96 -40.32
C SER A 2 54.51 -15.59 -39.91
N VAL A 3 53.35 -15.19 -40.44
CA VAL A 3 52.66 -13.92 -40.06
C VAL A 3 51.52 -14.26 -39.09
N ALA A 4 51.64 -13.78 -37.84
CA ALA A 4 50.68 -13.99 -36.74
C ALA A 4 49.37 -13.23 -36.99
N GLY A 5 48.25 -13.83 -36.61
CA GLY A 5 46.90 -13.26 -36.82
C GLY A 5 46.69 -11.97 -36.03
N GLY A 6 45.83 -11.09 -36.53
CA GLY A 6 45.43 -9.85 -35.85
C GLY A 6 43.94 -9.60 -36.00
N TRP A 7 43.28 -9.22 -34.91
CA TRP A 7 41.81 -9.01 -34.88
C TRP A 7 41.46 -7.77 -35.71
N GLY A 8 40.48 -7.92 -36.61
CA GLY A 8 39.72 -6.82 -37.23
C GLY A 8 38.69 -6.25 -36.26
N PRO A 9 37.92 -5.21 -36.69
CA PRO A 9 37.04 -4.50 -35.76
C PRO A 9 35.79 -5.31 -35.39
N TRP A 10 35.29 -5.08 -34.17
CA TRP A 10 33.96 -5.51 -33.70
C TRP A 10 32.87 -4.92 -34.59
N GLY A 11 31.89 -5.74 -34.95
CA GLY A 11 30.67 -5.37 -35.66
C GLY A 11 29.52 -6.21 -35.13
N PRO A 12 28.27 -5.70 -35.22
CA PRO A 12 27.13 -6.34 -34.56
C PRO A 12 26.62 -7.54 -35.36
N VAL A 13 26.14 -8.60 -34.70
CA VAL A 13 25.69 -9.81 -35.46
C VAL A 13 24.30 -10.27 -35.01
N SER A 14 23.64 -9.58 -34.09
CA SER A 14 22.26 -9.94 -33.68
C SER A 14 21.46 -8.69 -33.36
N PRO A 15 20.12 -8.74 -33.46
CA PRO A 15 19.27 -7.60 -33.13
C PRO A 15 18.94 -7.52 -31.63
N CYS A 16 18.66 -6.31 -31.16
CA CYS A 16 18.21 -6.04 -29.77
C CYS A 16 17.04 -6.96 -29.43
N PRO A 17 17.16 -7.80 -28.39
CA PRO A 17 16.13 -8.81 -28.15
C PRO A 17 14.91 -8.31 -27.35
N VAL A 18 14.92 -7.07 -26.85
CA VAL A 18 13.92 -6.57 -25.87
C VAL A 18 13.03 -5.48 -26.50
N THR A 19 11.82 -5.29 -25.96
CA THR A 19 10.84 -4.27 -26.45
C THR A 19 10.78 -3.07 -25.50
N CYS A 20 11.68 -2.99 -24.50
CA CYS A 20 11.80 -1.83 -23.56
C CYS A 20 13.06 -1.99 -22.70
N GLY A 21 13.70 -0.86 -22.40
CA GLY A 21 14.90 -0.78 -21.53
C GLY A 21 16.15 -1.28 -22.22
N LEU A 22 17.14 -1.70 -21.44
CA LEU A 22 18.42 -2.22 -21.98
C LEU A 22 18.32 -3.73 -22.23
N GLY A 23 18.98 -4.22 -23.26
CA GLY A 23 19.11 -5.66 -23.53
C GLY A 23 20.51 -6.01 -23.96
N GLN A 24 20.72 -7.27 -24.33
CA GLN A 24 22.04 -7.76 -24.79
C GLN A 24 21.94 -8.18 -26.27
N THR A 25 22.80 -7.59 -27.10
CA THR A 25 23.15 -8.05 -28.46
C THR A 25 24.53 -8.72 -28.43
N MET A 26 24.94 -9.27 -29.57
CA MET A 26 26.26 -9.92 -29.73
C MET A 26 27.05 -9.16 -30.79
N GLU A 27 28.32 -8.86 -30.49
CA GLU A 27 29.29 -8.39 -31.50
C GLU A 27 30.29 -9.51 -31.84
N GLN A 28 30.88 -9.43 -33.03
CA GLN A 28 31.78 -10.47 -33.57
C GLN A 28 32.90 -9.79 -34.33
N ARG A 29 34.09 -10.37 -34.35
CA ARG A 29 35.20 -9.87 -35.18
C ARG A 29 35.90 -11.07 -35.81
N THR A 30 36.68 -10.80 -36.84
CA THR A 30 37.38 -11.81 -37.65
C THR A 30 38.89 -11.61 -37.45
N CYS A 31 39.65 -12.71 -37.39
CA CYS A 31 41.13 -12.74 -37.32
C CYS A 31 41.66 -12.58 -38.75
N ASN A 32 41.52 -11.37 -39.31
CA ASN A 32 41.84 -11.03 -40.72
C ASN A 32 42.63 -9.73 -40.81
N HIS A 33 43.20 -9.24 -39.70
CA HIS A 33 43.88 -7.92 -39.65
C HIS A 33 45.20 -8.01 -38.88
N PRO A 34 46.20 -8.80 -39.36
CA PRO A 34 46.09 -9.55 -40.61
C PRO A 34 45.64 -11.02 -40.42
N VAL A 35 45.40 -11.72 -41.52
CA VAL A 35 45.17 -13.19 -41.55
C VAL A 35 46.46 -13.87 -41.11
N PRO A 36 46.40 -14.92 -40.25
CA PRO A 36 47.56 -15.79 -40.03
C PRO A 36 47.98 -16.52 -41.32
N GLN A 37 49.28 -16.53 -41.64
CA GLN A 37 49.83 -17.23 -42.84
C GLN A 37 51.11 -17.97 -42.47
N HIS A 38 51.36 -19.11 -43.14
CA HIS A 38 52.59 -19.93 -43.05
C HIS A 38 52.92 -20.28 -41.58
N GLY A 39 52.00 -20.98 -40.91
CA GLY A 39 52.18 -21.45 -39.52
C GLY A 39 52.08 -20.30 -38.52
N GLY A 40 51.68 -19.12 -38.97
CA GLY A 40 51.31 -18.00 -38.08
C GLY A 40 50.26 -18.45 -37.06
N PRO A 41 50.36 -18.00 -35.79
CA PRO A 41 49.34 -18.31 -34.78
C PRO A 41 48.00 -17.62 -35.03
N PHE A 42 46.92 -18.30 -34.65
CA PHE A 42 45.55 -17.74 -34.59
C PHE A 42 45.51 -16.68 -33.49
N CYS A 43 44.66 -15.67 -33.65
CA CYS A 43 44.49 -14.54 -32.71
C CYS A 43 44.15 -15.04 -31.29
N ALA A 44 44.71 -14.40 -30.26
CA ALA A 44 44.41 -14.64 -28.84
C ALA A 44 43.06 -14.04 -28.45
N GLY A 45 42.26 -14.76 -27.64
CA GLY A 45 41.03 -14.26 -27.01
C GLY A 45 39.79 -14.53 -27.86
N ASP A 46 38.75 -13.70 -27.73
CA ASP A 46 37.38 -14.03 -28.19
C ASP A 46 37.02 -13.34 -29.50
N ALA A 47 36.32 -14.07 -30.36
CA ALA A 47 35.81 -13.59 -31.66
C ALA A 47 34.41 -12.99 -31.46
N THR A 48 33.79 -13.25 -30.30
CA THR A 48 32.46 -12.69 -29.97
C THR A 48 32.46 -12.14 -28.54
N ARG A 49 31.70 -11.07 -28.32
CA ARG A 49 31.37 -10.50 -26.99
C ARG A 49 29.92 -10.01 -26.94
N THR A 50 29.38 -9.86 -25.74
CA THR A 50 28.08 -9.20 -25.48
C THR A 50 28.28 -7.69 -25.58
N HIS A 51 27.21 -7.01 -25.97
CA HIS A 51 27.12 -5.53 -26.07
C HIS A 51 25.70 -5.14 -25.64
N ILE A 52 25.56 -4.01 -24.97
CA ILE A 52 24.26 -3.48 -24.49
C ILE A 52 23.58 -2.69 -25.62
N CYS A 53 22.32 -3.03 -25.94
CA CYS A 53 21.41 -2.24 -26.81
C CYS A 53 20.41 -1.47 -25.93
N ASN A 54 20.12 -0.21 -26.28
CA ASN A 54 19.24 0.70 -25.51
C ASN A 54 18.02 1.08 -26.35
N THR A 55 16.84 0.61 -25.97
CA THR A 55 15.57 0.98 -26.63
C THR A 55 15.18 2.41 -26.24
N ALA A 56 15.66 2.89 -25.08
CA ALA A 56 15.32 4.21 -24.50
C ALA A 56 13.81 4.27 -24.19
N VAL A 57 13.09 3.17 -24.32
CA VAL A 57 11.65 3.02 -23.95
C VAL A 57 11.54 2.46 -22.54
N PRO A 58 10.69 3.06 -21.66
CA PRO A 58 10.51 2.52 -20.31
C PRO A 58 9.62 1.27 -20.35
N CYS A 59 9.94 0.29 -19.51
CA CYS A 59 9.13 -0.94 -19.29
C CYS A 59 7.94 -0.59 -18.40
N PRO A 60 6.83 -1.37 -18.49
CA PRO A 60 5.72 -1.27 -17.55
C PRO A 60 6.17 -1.47 -16.08
N VAL A 61 5.60 -0.69 -15.17
CA VAL A 61 5.86 -0.80 -13.72
C VAL A 61 4.53 -1.14 -13.04
N ASP A 62 4.46 -2.30 -12.40
CA ASP A 62 3.28 -2.76 -11.63
C ASP A 62 3.14 -1.86 -10.39
N GLY A 63 1.91 -1.61 -9.96
CA GLY A 63 1.59 -0.77 -8.79
C GLY A 63 1.88 -1.52 -7.50
N GLU A 64 2.19 -0.79 -6.43
CA GLU A 64 2.46 -1.34 -5.08
C GLU A 64 1.61 -0.54 -4.07
N TRP A 65 0.94 -1.21 -3.13
CA TRP A 65 0.22 -0.51 -2.04
C TRP A 65 1.24 0.25 -1.19
N ASP A 66 1.02 1.53 -0.89
CA ASP A 66 1.69 2.18 0.24
C ASP A 66 1.00 1.65 1.51
N SER A 67 1.51 1.94 2.69
CA SER A 67 0.96 1.38 3.95
C SER A 67 -0.34 2.13 4.31
N TRP A 68 -1.17 1.54 5.17
CA TRP A 68 -2.48 2.10 5.61
C TRP A 68 -2.27 3.47 6.23
N GLY A 69 -3.12 4.44 5.90
CA GLY A 69 -3.22 5.73 6.61
C GLY A 69 -3.86 5.53 7.98
N GLU A 70 -3.98 6.60 8.76
CA GLU A 70 -4.59 6.55 10.11
C GLU A 70 -6.08 6.26 9.98
N TRP A 71 -6.68 5.65 11.00
CA TRP A 71 -8.15 5.47 11.12
C TRP A 71 -8.81 6.85 11.20
N SER A 72 -9.84 7.08 10.38
CA SER A 72 -10.64 8.33 10.38
C SER A 72 -11.34 8.46 11.73
N PRO A 73 -11.81 9.66 12.10
CA PRO A 73 -12.56 9.83 13.35
C PRO A 73 -13.74 8.86 13.48
N CYS A 74 -13.94 8.33 14.69
CA CYS A 74 -15.01 7.36 14.99
C CYS A 74 -16.36 8.07 15.10
N ILE A 75 -17.25 7.88 14.12
CA ILE A 75 -18.52 8.65 14.03
C ILE A 75 -19.68 7.76 13.56
N ARG A 76 -20.89 8.25 13.75
CA ARG A 76 -22.14 7.58 13.34
C ARG A 76 -23.04 8.61 12.65
N ARG A 77 -23.71 8.18 11.57
CA ARG A 77 -24.64 9.03 10.79
C ARG A 77 -25.77 9.52 11.72
N ASN A 78 -26.11 10.80 11.58
CA ASN A 78 -27.24 11.51 12.27
C ASN A 78 -26.95 11.57 13.78
N MET A 79 -25.68 11.72 14.14
CA MET A 79 -25.16 11.92 15.53
C MET A 79 -23.98 12.89 15.46
N LYS A 80 -24.05 14.03 16.15
CA LYS A 80 -23.01 15.10 16.13
C LYS A 80 -21.75 14.58 16.83
N SER A 81 -21.91 13.89 17.97
CA SER A 81 -20.79 13.16 18.62
C SER A 81 -21.32 11.95 19.39
N ILE A 82 -20.53 10.88 19.38
CA ILE A 82 -20.81 9.59 20.07
C ILE A 82 -19.73 9.35 21.13
N SER A 83 -18.77 10.26 21.27
CA SER A 83 -17.63 10.07 22.20
C SER A 83 -18.18 10.10 23.63
N CYS A 84 -17.56 9.31 24.51
CA CYS A 84 -17.93 9.13 25.94
C CYS A 84 -19.28 8.43 26.10
N GLN A 85 -19.74 7.66 25.12
CA GLN A 85 -21.06 7.00 25.17
C GLN A 85 -20.97 5.55 24.65
N GLU A 86 -21.84 4.69 25.16
CA GLU A 86 -21.91 3.27 24.72
C GLU A 86 -22.64 3.23 23.38
N ILE A 87 -22.02 3.79 22.33
CA ILE A 87 -22.62 3.98 20.97
C ILE A 87 -21.60 3.55 19.94
N PRO A 88 -21.78 2.37 19.31
CA PRO A 88 -20.92 1.94 18.21
C PRO A 88 -20.87 3.00 17.11
N GLY A 89 -19.66 3.34 16.66
CA GLY A 89 -19.39 4.19 15.49
C GLY A 89 -18.79 3.40 14.36
N GLN A 90 -18.38 4.11 13.31
CA GLN A 90 -17.73 3.54 12.12
C GLN A 90 -16.55 4.44 11.80
N GLN A 91 -15.44 3.85 11.36
CA GLN A 91 -14.27 4.60 10.86
C GLN A 91 -13.60 3.77 9.78
N SER A 92 -12.75 4.40 8.99
CA SER A 92 -12.09 3.78 7.82
C SER A 92 -10.68 4.34 7.73
N ARG A 93 -9.81 3.55 7.09
CA ARG A 93 -8.47 3.99 6.65
C ARG A 93 -8.29 3.51 5.22
N GLY A 94 -7.48 4.23 4.44
CA GLY A 94 -7.24 3.95 3.02
C GLY A 94 -5.75 3.85 2.71
N ARG A 95 -5.43 3.33 1.53
CA ARG A 95 -4.05 3.29 0.99
C ARG A 95 -4.14 3.52 -0.52
N THR A 96 -3.08 4.06 -1.12
CA THR A 96 -2.98 4.31 -2.58
C THR A 96 -2.19 3.17 -3.23
N CYS A 97 -2.55 2.81 -4.46
CA CYS A 97 -1.68 2.04 -5.39
C CYS A 97 -0.70 3.01 -6.05
N ARG A 98 0.54 3.08 -5.57
CA ARG A 98 1.57 4.00 -6.13
C ARG A 98 2.55 3.22 -7.02
N GLY A 99 3.06 3.89 -8.06
CA GLY A 99 4.18 3.44 -8.89
C GLY A 99 3.75 2.95 -10.26
N ARG A 100 2.46 2.65 -10.46
CA ARG A 100 1.92 2.05 -11.70
C ARG A 100 2.18 3.02 -12.86
N LYS A 101 2.85 2.54 -13.92
CA LYS A 101 3.23 3.35 -15.10
C LYS A 101 3.27 2.46 -16.36
N PHE A 102 3.00 3.06 -17.52
CA PHE A 102 3.15 2.46 -18.87
C PHE A 102 2.46 1.09 -18.87
N ASP A 103 1.16 1.06 -18.53
CA ASP A 103 0.26 -0.11 -18.69
C ASP A 103 0.75 -1.28 -17.82
N GLY A 104 1.48 -1.00 -16.74
CA GLY A 104 1.79 -2.00 -15.70
C GLY A 104 0.54 -2.39 -14.95
N HIS A 105 0.61 -3.42 -14.11
CA HIS A 105 -0.55 -4.04 -13.43
C HIS A 105 -1.03 -3.18 -12.24
N ARG A 106 -2.33 -3.21 -11.98
CA ARG A 106 -2.95 -2.61 -10.78
C ARG A 106 -2.68 -3.49 -9.57
N CYS A 107 -2.80 -2.90 -8.38
CA CYS A 107 -2.62 -3.55 -7.05
C CYS A 107 -3.75 -4.55 -6.79
N ALA A 108 -3.51 -5.58 -5.98
CA ALA A 108 -4.45 -6.68 -5.65
C ALA A 108 -5.10 -6.39 -4.29
N GLY A 109 -6.42 -6.54 -4.19
CA GLY A 109 -7.18 -6.43 -2.93
C GLY A 109 -7.68 -5.01 -2.68
N GLN A 110 -7.87 -4.65 -1.41
CA GLN A 110 -8.80 -3.57 -0.98
C GLN A 110 -8.04 -2.26 -0.73
N GLN A 111 -8.52 -1.15 -1.30
CA GLN A 111 -7.95 0.20 -1.04
C GLN A 111 -8.56 0.83 0.22
N GLN A 112 -9.54 0.20 0.86
CA GLN A 112 -10.24 0.73 2.07
C GLN A 112 -10.41 -0.39 3.11
N ASP A 113 -10.19 -0.07 4.38
CA ASP A 113 -10.44 -0.95 5.54
C ASP A 113 -11.47 -0.26 6.44
N ILE A 114 -12.58 -0.92 6.76
CA ILE A 114 -13.67 -0.33 7.58
C ILE A 114 -13.86 -1.16 8.86
N ARG A 115 -13.93 -0.49 10.01
CA ARG A 115 -14.26 -1.13 11.31
C ARG A 115 -15.21 -0.20 12.08
N HIS A 116 -15.70 -0.73 13.20
CA HIS A 116 -16.64 -0.10 14.16
C HIS A 116 -15.90 0.16 15.46
N CYS A 117 -16.39 1.07 16.28
CA CYS A 117 -15.56 1.68 17.34
C CYS A 117 -16.42 2.31 18.42
N TYR A 118 -15.89 2.35 19.64
CA TYR A 118 -16.35 3.23 20.74
C TYR A 118 -15.39 4.42 20.77
N SER A 119 -15.88 5.66 20.68
CA SER A 119 -15.03 6.88 20.78
C SER A 119 -14.85 7.24 22.25
N ILE A 120 -13.60 7.31 22.69
CA ILE A 120 -13.24 7.84 24.03
C ILE A 120 -12.28 9.00 23.81
N GLN A 121 -12.35 9.64 22.64
CA GLN A 121 -11.53 10.84 22.29
C GLN A 121 -11.85 11.94 23.31
N HIS A 122 -10.82 12.43 24.01
CA HIS A 122 -10.92 13.50 25.04
C HIS A 122 -11.91 13.12 26.15
N CYS A 123 -12.27 11.84 26.32
CA CYS A 123 -13.13 11.37 27.44
C CYS A 123 -12.34 11.24 28.73
N PRO A 124 -12.77 11.91 29.83
CA PRO A 124 -12.18 11.67 31.15
C PRO A 124 -12.51 10.26 31.65
N LEU A 125 -11.48 9.47 31.96
CA LEU A 125 -11.62 8.09 32.51
C LEU A 125 -10.74 7.98 33.75
N LYS A 126 -11.18 7.25 34.77
CA LYS A 126 -10.31 6.91 35.94
C LYS A 126 -9.08 6.19 35.38
N GLY A 127 -7.90 6.46 35.96
CA GLY A 127 -6.60 5.93 35.50
C GLY A 127 -5.84 5.20 36.59
N SER A 128 -5.36 3.99 36.28
CA SER A 128 -4.39 3.21 37.09
C SER A 128 -3.00 3.29 36.44
N TRP A 129 -1.97 3.44 37.26
CA TRP A 129 -0.56 3.51 36.81
C TRP A 129 -0.13 2.13 36.34
N SER A 130 0.44 2.03 35.15
CA SER A 130 1.23 0.85 34.71
C SER A 130 2.39 0.68 35.70
N GLU A 131 2.89 -0.54 35.87
CA GLU A 131 4.25 -0.74 36.43
C GLU A 131 5.24 -0.20 35.37
N TRP A 132 6.54 -0.29 35.63
CA TRP A 132 7.61 0.21 34.71
C TRP A 132 7.50 -0.47 33.35
N SER A 133 7.58 0.30 32.27
CA SER A 133 7.82 -0.20 30.90
C SER A 133 9.18 -0.90 30.88
N THR A 134 9.43 -1.73 29.88
CA THR A 134 10.78 -2.27 29.61
C THR A 134 11.65 -1.09 29.16
N TRP A 135 12.97 -1.14 29.37
CA TRP A 135 13.91 -0.06 28.94
C TRP A 135 13.80 0.14 27.43
N GLY A 136 13.70 1.38 26.97
CA GLY A 136 13.64 1.74 25.54
C GLY A 136 15.01 1.62 24.91
N LEU A 137 15.15 2.03 23.65
CA LEU A 137 16.43 2.06 22.91
C LEU A 137 17.35 3.12 23.53
N CYS A 138 18.61 3.09 23.14
CA CYS A 138 19.61 4.14 23.46
C CYS A 138 19.52 5.23 22.40
N MET A 139 19.34 6.49 22.80
CA MET A 139 19.08 7.62 21.88
C MET A 139 19.91 8.84 22.27
N PRO A 140 20.49 9.58 21.31
CA PRO A 140 20.51 9.19 19.90
C PRO A 140 21.43 7.99 19.69
N PRO A 141 21.12 7.10 18.71
CA PRO A 141 21.81 5.81 18.59
C PRO A 141 23.28 5.97 18.19
N CYS A 142 23.59 7.05 17.49
CA CYS A 142 24.95 7.41 16.99
C CYS A 142 25.44 8.69 17.67
N GLY A 143 24.63 9.76 17.65
CA GLY A 143 24.96 11.07 18.26
C GLY A 143 25.46 10.92 19.69
N PRO A 144 25.94 12.01 20.33
CA PRO A 144 26.66 11.92 21.61
C PRO A 144 25.77 11.66 22.84
N ASN A 145 26.35 11.00 23.84
CA ASN A 145 25.76 10.74 25.19
C ASN A 145 24.45 9.95 25.08
N PRO A 146 24.43 8.77 24.41
CA PRO A 146 23.21 7.98 24.29
C PRO A 146 22.58 7.66 25.65
N THR A 147 21.28 7.93 25.82
CA THR A 147 20.52 7.63 27.06
C THR A 147 19.32 6.74 26.73
N ARG A 148 18.90 5.96 27.72
CA ARG A 148 17.84 4.92 27.68
C ARG A 148 16.73 5.41 28.62
N ALA A 149 15.48 4.95 28.47
CA ALA A 149 14.35 5.37 29.34
C ALA A 149 13.31 4.25 29.50
N ARG A 150 12.56 4.31 30.60
CA ARG A 150 11.32 3.51 30.85
C ARG A 150 10.30 4.39 31.58
N GLN A 151 9.02 3.98 31.58
CA GLN A 151 7.89 4.85 32.00
C GLN A 151 6.89 4.07 32.84
N ARG A 152 6.32 4.72 33.86
CA ARG A 152 4.98 4.40 34.42
C ARG A 152 3.99 5.38 33.77
N LEU A 153 3.00 4.87 33.04
CA LEU A 153 1.96 5.69 32.36
C LEU A 153 0.69 5.66 33.21
N CYS A 154 -0.02 6.79 33.26
CA CYS A 154 -1.40 6.86 33.79
C CYS A 154 -2.30 6.17 32.77
N THR A 155 -2.49 4.86 32.94
CA THR A 155 -3.23 3.97 32.01
C THR A 155 -4.72 4.12 32.32
N PRO A 156 -5.59 4.34 31.31
CA PRO A 156 -7.04 4.43 31.55
C PRO A 156 -7.72 3.07 31.77
N LEU A 157 -8.80 3.07 32.57
CA LEU A 157 -9.73 1.92 32.74
C LEU A 157 -10.87 2.10 31.74
N LEU A 158 -10.91 1.25 30.71
CA LEU A 158 -11.90 1.30 29.60
C LEU A 158 -13.25 0.83 30.12
N PRO A 159 -14.36 1.47 29.71
CA PRO A 159 -15.69 1.03 30.14
C PRO A 159 -15.87 -0.45 29.82
N LYS A 160 -16.51 -1.21 30.70
CA LYS A 160 -16.78 -2.65 30.45
C LYS A 160 -17.91 -2.71 29.40
N TYR A 161 -17.59 -2.46 28.14
CA TYR A 161 -18.58 -2.44 27.03
C TYR A 161 -18.50 -3.76 26.28
N PRO A 162 -19.60 -4.20 25.62
CA PRO A 162 -19.54 -5.37 24.74
C PRO A 162 -18.36 -5.34 23.77
N PRO A 163 -17.69 -6.49 23.53
CA PRO A 163 -16.70 -6.57 22.46
C PRO A 163 -17.29 -6.41 21.05
N THR A 164 -18.60 -6.68 20.89
CA THR A 164 -19.33 -6.83 19.61
C THR A 164 -20.65 -6.02 19.62
N VAL A 165 -21.15 -5.66 18.44
CA VAL A 165 -22.51 -5.07 18.20
C VAL A 165 -23.28 -5.96 17.23
N SER A 166 -24.55 -6.25 17.52
CA SER A 166 -25.48 -6.92 16.59
C SER A 166 -25.64 -6.04 15.35
N MET A 167 -25.77 -6.65 14.17
CA MET A 167 -26.07 -5.93 12.91
C MET A 167 -27.59 -5.76 12.81
N VAL A 168 -28.04 -4.92 11.88
CA VAL A 168 -29.49 -4.71 11.55
C VAL A 168 -29.90 -5.64 10.40
N GLU A 169 -29.04 -5.86 9.39
CA GLU A 169 -29.42 -6.57 8.15
C GLU A 169 -29.16 -8.08 8.27
N GLY A 170 -27.94 -8.49 8.62
CA GLY A 170 -27.60 -9.92 8.76
C GLY A 170 -28.09 -10.48 10.08
N GLN A 171 -28.00 -11.80 10.26
CA GLN A 171 -28.14 -12.49 11.58
C GLN A 171 -26.81 -12.32 12.35
N GLY A 172 -25.87 -11.54 11.79
CA GLY A 172 -24.46 -11.50 12.21
C GLY A 172 -24.15 -10.38 13.18
N GLU A 173 -22.91 -10.34 13.67
CA GLU A 173 -22.37 -9.35 14.64
C GLU A 173 -21.08 -8.76 14.06
N LYS A 174 -20.59 -7.66 14.64
CA LYS A 174 -19.37 -6.93 14.19
C LYS A 174 -18.61 -6.44 15.42
N ASN A 175 -17.28 -6.62 15.39
CA ASN A 175 -16.31 -6.18 16.43
C ASN A 175 -16.37 -4.66 16.55
N VAL A 176 -16.33 -4.16 17.80
CA VAL A 176 -16.22 -2.72 18.14
C VAL A 176 -14.94 -2.54 18.96
N THR A 177 -14.03 -1.70 18.46
CA THR A 177 -12.72 -1.35 19.08
C THR A 177 -12.84 0.05 19.68
N PHE A 178 -12.38 0.26 20.92
CA PHE A 178 -12.18 1.61 21.51
C PHE A 178 -11.15 2.37 20.66
N TRP A 179 -11.51 3.59 20.22
CA TRP A 179 -10.63 4.53 19.47
C TRP A 179 -10.64 5.89 20.18
N GLY A 180 -9.52 6.62 20.09
CA GLY A 180 -9.40 8.01 20.56
C GLY A 180 -8.41 8.11 21.71
N ARG A 181 -7.84 9.30 21.93
CA ARG A 181 -6.96 9.62 23.09
C ARG A 181 -7.84 10.16 24.21
N PRO A 182 -8.10 9.35 25.28
CA PRO A 182 -8.88 9.80 26.43
C PRO A 182 -8.02 10.60 27.41
N LEU A 183 -8.66 11.13 28.46
CA LEU A 183 -8.01 11.87 29.59
C LEU A 183 -8.03 10.99 30.83
N PRO A 184 -6.98 10.18 31.07
CA PRO A 184 -6.94 9.32 32.25
C PRO A 184 -6.69 10.15 33.51
N ARG A 185 -7.46 9.89 34.57
CA ARG A 185 -7.42 10.64 35.85
C ARG A 185 -6.82 9.72 36.93
N CYS A 186 -5.50 9.79 37.12
CA CYS A 186 -4.75 9.17 38.24
C CYS A 186 -4.52 10.18 39.36
N GLU A 187 -4.49 9.71 40.61
CA GLU A 187 -3.84 10.44 41.73
C GLU A 187 -2.34 10.51 41.40
N GLU A 188 -1.66 11.57 41.81
CA GLU A 188 -0.21 11.81 41.51
C GLU A 188 0.63 10.62 42.01
N LEU A 189 1.47 10.09 41.13
CA LEU A 189 2.65 9.24 41.45
C LEU A 189 3.91 10.09 41.19
N GLN A 190 4.81 10.21 42.18
CA GLN A 190 6.04 11.05 42.09
C GLN A 190 5.67 12.47 41.65
N GLY A 191 4.58 13.00 42.21
CA GLY A 191 4.00 14.31 41.86
C GLY A 191 3.84 14.50 40.37
N GLN A 192 3.33 13.48 39.67
CA GLN A 192 3.04 13.53 38.20
C GLN A 192 1.67 12.89 37.94
N LYS A 193 0.90 13.46 37.00
CA LYS A 193 -0.50 13.06 36.69
C LYS A 193 -0.55 12.11 35.48
N LEU A 194 0.40 12.18 34.52
CA LEU A 194 0.37 11.38 33.27
C LEU A 194 1.53 10.38 33.17
N VAL A 195 2.78 10.83 33.29
CA VAL A 195 3.97 10.01 32.92
C VAL A 195 5.12 10.27 33.90
N VAL A 196 5.68 9.19 34.48
CA VAL A 196 6.93 9.19 35.30
C VAL A 196 8.01 8.49 34.47
N GLU A 197 9.10 9.21 34.15
CA GLU A 197 10.20 8.73 33.26
C GLU A 197 11.53 8.70 34.05
N GLU A 198 12.17 7.52 34.10
CA GLU A 198 13.59 7.33 34.53
C GLU A 198 14.50 7.30 33.29
N LYS A 199 15.74 7.76 33.41
CA LYS A 199 16.77 7.67 32.33
C LYS A 199 18.11 7.22 32.94
N ARG A 200 18.87 6.40 32.22
CA ARG A 200 20.29 6.10 32.57
C ARG A 200 21.12 5.99 31.29
N PRO A 201 22.44 6.30 31.36
CA PRO A 201 23.30 6.23 30.19
C PRO A 201 23.49 4.80 29.67
N CYS A 202 23.84 4.69 28.38
CA CYS A 202 24.22 3.43 27.70
C CYS A 202 25.74 3.31 27.75
N LEU A 203 26.22 2.09 28.03
CA LEU A 203 27.62 1.82 28.44
C LEU A 203 28.38 1.27 27.24
N HIS A 204 29.61 1.76 27.02
CA HIS A 204 30.59 1.20 26.06
C HIS A 204 29.96 1.11 24.68
N VAL A 205 29.46 2.26 24.20
CA VAL A 205 28.67 2.41 22.95
C VAL A 205 29.66 2.46 21.78
N PRO A 206 29.48 1.58 20.77
CA PRO A 206 30.29 1.63 19.56
C PRO A 206 29.84 2.76 18.62
N ALA A 207 30.79 3.36 17.89
CA ALA A 207 30.54 4.30 16.78
C ALA A 207 29.73 3.56 15.71
N CYS A 208 28.83 4.29 15.04
CA CYS A 208 28.10 3.84 13.83
C CYS A 208 29.07 3.91 12.64
N LYS A 209 29.55 2.76 12.19
CA LYS A 209 30.42 2.61 11.00
C LYS A 209 29.55 2.04 9.86
N ASP A 210 29.69 2.56 8.65
CA ASP A 210 28.99 2.05 7.43
C ASP A 210 29.53 0.67 7.05
N PRO A 211 28.71 -0.41 7.07
CA PRO A 211 29.18 -1.73 6.64
C PRO A 211 30.00 -1.70 5.34
N GLU A 212 29.55 -0.91 4.36
CA GLU A 212 30.17 -0.84 3.00
C GLU A 212 31.65 -0.45 3.14
N GLU A 213 31.97 0.46 4.05
CA GLU A 213 33.33 1.06 4.19
C GLU A 213 34.13 0.29 5.26
N GLU A 214 33.44 -0.20 6.30
CA GLU A 214 34.04 -0.93 7.46
C GLU A 214 34.90 -2.08 6.93
N GLU A 215 35.82 -2.58 7.77
CA GLU A 215 36.84 -3.59 7.37
C GLU A 215 37.46 -3.14 6.03
N LEU A 216 37.71 -1.84 5.90
CA LEU A 216 38.74 -1.23 5.01
C LEU A 216 39.56 -0.30 5.90
N ALA A 217 39.66 -0.65 7.19
CA ALA A 217 40.44 0.05 8.24
C ALA A 217 41.80 -0.66 8.39
N ALA A 218 42.80 -0.19 7.64
CA ALA A 218 44.24 -0.51 7.81
C ALA A 218 44.77 0.29 9.01
N ALA A 219 44.20 1.48 9.24
CA ALA A 219 44.44 2.32 10.43
C ALA A 219 43.43 1.95 11.52
N ASP B 3 27.08 9.66 -14.87
CA ASP B 3 28.39 8.94 -14.87
C ASP B 3 28.12 7.44 -14.70
N PRO B 4 28.86 6.56 -15.40
CA PRO B 4 28.35 5.23 -15.75
C PRO B 4 28.34 4.22 -14.58
N VAL B 5 27.55 3.18 -14.74
CA VAL B 5 27.27 2.18 -13.66
C VAL B 5 27.31 0.79 -14.28
N LEU B 6 27.48 -0.22 -13.43
CA LEU B 6 27.29 -1.65 -13.81
C LEU B 6 25.79 -1.98 -13.74
N CYS B 7 25.18 -2.37 -14.86
CA CYS B 7 23.75 -2.79 -14.90
C CYS B 7 23.63 -4.32 -14.86
N PHE B 8 22.76 -4.78 -13.97
CA PHE B 8 22.43 -6.19 -13.66
C PHE B 8 20.93 -6.40 -13.85
N THR B 9 20.53 -7.61 -14.22
CA THR B 9 19.13 -7.94 -14.58
C THR B 9 18.37 -8.47 -13.37
N GLN B 10 19.03 -8.82 -12.27
CA GLN B 10 18.36 -9.37 -11.07
C GLN B 10 18.90 -8.64 -9.84
N TYR B 11 18.01 -8.40 -8.87
CA TYR B 11 18.31 -8.05 -7.46
C TYR B 11 17.83 -9.21 -6.59
N GLU B 12 18.70 -9.74 -5.75
CA GLU B 12 18.42 -10.91 -4.88
C GLU B 12 18.18 -10.36 -3.47
N GLU B 13 16.92 -10.33 -3.05
CA GLU B 13 16.44 -9.61 -1.83
C GLU B 13 17.03 -10.30 -0.58
N SER B 14 17.13 -11.63 -0.58
CA SER B 14 17.76 -12.43 0.51
C SER B 14 19.12 -11.83 0.91
N SER B 15 20.06 -11.68 -0.04
CA SER B 15 21.48 -11.31 0.22
C SER B 15 21.78 -9.85 -0.16
N GLY B 16 20.87 -9.16 -0.84
CA GLY B 16 21.09 -7.80 -1.36
C GLY B 16 22.16 -7.75 -2.44
N LYS B 17 22.27 -8.82 -3.24
CA LYS B 17 23.34 -8.99 -4.25
C LYS B 17 22.75 -8.73 -5.64
N CYS B 18 23.52 -8.05 -6.48
CA CYS B 18 23.30 -7.84 -7.95
C CYS B 18 23.72 -9.11 -8.72
N LYS B 19 22.86 -9.64 -9.60
CA LYS B 19 23.11 -10.85 -10.41
C LYS B 19 22.66 -10.63 -11.86
N GLY B 20 23.35 -11.26 -12.82
CA GLY B 20 23.00 -11.22 -14.25
C GLY B 20 23.54 -9.98 -14.92
N LEU B 21 24.85 -9.79 -14.89
CA LEU B 21 25.56 -8.63 -15.51
C LEU B 21 25.13 -8.48 -16.96
N LEU B 22 24.67 -7.29 -17.35
CA LEU B 22 24.44 -6.86 -18.75
C LEU B 22 25.71 -6.19 -19.28
N GLY B 23 26.29 -5.31 -18.46
CA GLY B 23 27.51 -4.59 -18.83
C GLY B 23 27.56 -3.28 -18.08
N GLY B 24 28.54 -2.44 -18.42
CA GLY B 24 28.81 -1.13 -17.81
C GLY B 24 28.64 -0.04 -18.85
N GLY B 25 29.18 1.13 -18.59
CA GLY B 25 29.12 2.28 -19.51
C GLY B 25 27.70 2.72 -19.77
N VAL B 26 26.81 2.59 -18.79
CA VAL B 26 25.39 3.05 -18.89
C VAL B 26 25.04 3.93 -17.68
N SER B 27 24.22 4.95 -17.91
CA SER B 27 23.57 5.76 -16.87
C SER B 27 22.61 4.88 -16.08
N VAL B 28 22.41 5.23 -14.82
CA VAL B 28 21.50 4.52 -13.87
C VAL B 28 20.08 4.67 -14.41
N GLU B 29 19.79 5.83 -15.02
CA GLU B 29 18.49 6.15 -15.65
C GLU B 29 18.17 5.09 -16.70
N ASP B 30 19.16 4.74 -17.52
CA ASP B 30 19.00 3.82 -18.68
C ASP B 30 18.90 2.37 -18.18
N CYS B 31 19.76 2.03 -17.22
CA CYS B 31 19.73 0.74 -16.50
C CYS B 31 18.32 0.52 -15.91
N CYS B 32 17.83 1.51 -15.16
CA CYS B 32 16.58 1.40 -14.37
C CYS B 32 15.32 1.70 -15.20
N LEU B 33 15.43 1.93 -16.53
CA LEU B 33 14.28 1.94 -17.48
C LEU B 33 13.43 0.70 -17.24
N ASN B 34 14.08 -0.40 -16.84
CA ASN B 34 13.45 -1.67 -16.39
C ASN B 34 13.66 -1.74 -14.88
N THR B 35 12.60 -1.61 -14.08
CA THR B 35 12.68 -1.51 -12.59
C THR B 35 12.94 -2.87 -11.92
N ALA B 36 13.03 -3.96 -12.69
CA ALA B 36 13.43 -5.30 -12.20
C ALA B 36 14.96 -5.41 -12.08
N PHE B 37 15.69 -4.45 -12.67
CA PHE B 37 17.17 -4.43 -12.77
C PHE B 37 17.78 -3.87 -11.48
N ALA B 38 19.10 -3.90 -11.40
CA ALA B 38 19.88 -3.39 -10.25
C ALA B 38 21.20 -2.84 -10.78
N TYR B 39 21.89 -2.03 -9.98
CA TYR B 39 23.19 -1.44 -10.37
C TYR B 39 24.19 -1.40 -9.20
N GLN B 40 25.46 -1.29 -9.58
CA GLN B 40 26.60 -0.93 -8.70
C GLN B 40 27.33 0.25 -9.36
N LYS B 41 27.74 1.22 -8.55
CA LYS B 41 28.48 2.42 -9.01
C LYS B 41 29.94 2.03 -9.30
N ARG B 42 30.45 1.01 -8.59
CA ARG B 42 31.86 0.55 -8.60
C ARG B 42 31.87 -0.94 -8.22
N SER B 43 32.62 -1.79 -8.95
CA SER B 43 32.80 -3.22 -8.57
C SER B 43 33.17 -3.29 -7.09
N GLY B 44 32.48 -4.15 -6.33
CA GLY B 44 32.65 -4.24 -4.86
C GLY B 44 31.68 -3.34 -4.11
N GLY B 45 31.19 -2.29 -4.76
CA GLY B 45 30.27 -1.32 -4.15
C GLY B 45 28.97 -1.97 -3.72
N LEU B 46 28.13 -1.22 -3.01
CA LEU B 46 26.75 -1.61 -2.65
C LEU B 46 25.93 -1.80 -3.92
N CYS B 47 25.01 -2.76 -3.89
CA CYS B 47 24.04 -3.01 -4.98
C CYS B 47 22.67 -2.38 -4.64
N GLN B 48 22.13 -1.61 -5.57
CA GLN B 48 20.87 -0.83 -5.42
C GLN B 48 19.88 -1.38 -6.44
N PRO B 49 18.69 -1.89 -6.03
CA PRO B 49 17.65 -2.27 -6.98
C PRO B 49 17.05 -1.05 -7.70
N CYS B 50 16.57 -1.26 -8.93
CA CYS B 50 15.93 -0.21 -9.76
C CYS B 50 14.47 0.03 -9.34
N ARG B 51 13.87 -0.87 -8.57
CA ARG B 51 12.49 -0.69 -8.05
C ARG B 51 12.45 0.47 -7.05
N SER B 52 11.24 0.92 -6.72
CA SER B 52 10.99 2.07 -5.83
C SER B 52 11.51 1.75 -4.45
N PRO B 53 12.04 2.77 -3.74
CA PRO B 53 12.71 2.53 -2.47
C PRO B 53 11.81 1.87 -1.43
N ARG B 54 12.43 1.08 -0.54
CA ARG B 54 11.85 0.63 0.75
C ARG B 54 12.99 0.24 1.69
N TRP B 55 12.68 0.02 2.97
CA TRP B 55 13.69 -0.30 4.01
C TRP B 55 14.13 -1.76 3.84
N SER B 56 15.43 -2.02 3.94
CA SER B 56 15.98 -3.37 4.23
C SER B 56 15.39 -3.84 5.57
N LEU B 57 15.44 -5.14 5.82
CA LEU B 57 15.21 -5.71 7.16
C LEU B 57 16.40 -5.30 8.04
N TRP B 58 16.14 -5.07 9.32
CA TRP B 58 17.17 -4.77 10.36
C TRP B 58 18.20 -5.89 10.38
N SER B 59 19.48 -5.53 10.44
CA SER B 59 20.61 -6.48 10.66
C SER B 59 20.41 -7.17 12.01
N THR B 60 21.05 -8.31 12.23
CA THR B 60 21.18 -8.89 13.60
C THR B 60 21.85 -7.84 14.48
N TRP B 61 21.66 -7.95 15.81
CA TRP B 61 22.37 -7.12 16.82
C TRP B 61 23.85 -7.50 16.79
N ALA B 62 24.74 -6.51 16.67
CA ALA B 62 26.21 -6.67 16.60
C ALA B 62 26.72 -7.21 17.95
N PRO B 63 27.99 -7.67 18.03
CA PRO B 63 28.62 -8.00 19.31
C PRO B 63 28.42 -6.90 20.37
N CYS B 64 28.37 -7.29 21.65
CA CYS B 64 27.99 -6.45 22.82
C CYS B 64 29.17 -5.65 23.39
N SER B 65 30.41 -5.86 22.90
CA SER B 65 31.67 -5.41 23.53
C SER B 65 31.90 -6.14 24.86
N CYS B 68 31.30 -9.31 29.00
CA CYS B 68 30.83 -10.00 30.25
C CYS B 68 29.88 -9.10 31.06
N SER B 69 30.27 -7.83 31.30
CA SER B 69 29.41 -6.79 31.95
C SER B 69 28.45 -6.22 30.90
N GLU B 70 27.54 -5.34 31.32
CA GLU B 70 26.49 -4.75 30.44
C GLU B 70 27.10 -3.61 29.59
N GLY B 71 27.18 -3.81 28.27
CA GLY B 71 27.55 -2.77 27.28
C GLY B 71 26.37 -2.42 26.40
N SER B 72 26.62 -2.13 25.12
CA SER B 72 25.56 -1.76 24.15
C SER B 72 25.97 -2.20 22.73
N GLN B 73 24.98 -2.52 21.88
CA GLN B 73 25.16 -3.12 20.53
C GLN B 73 24.27 -2.38 19.50
N LEU B 74 24.76 -2.26 18.26
CA LEU B 74 24.04 -1.59 17.14
C LEU B 74 23.37 -2.64 16.26
N ARG B 75 22.22 -2.29 15.69
CA ARG B 75 21.72 -2.91 14.45
C ARG B 75 21.36 -1.77 13.49
N TYR B 76 21.30 -2.07 12.19
CA TYR B 76 21.12 -1.06 11.13
C TYR B 76 20.22 -1.63 10.04
N ARG B 77 19.61 -0.73 9.29
CA ARG B 77 18.91 -1.06 8.02
C ARG B 77 19.16 0.11 7.07
N ARG B 78 18.93 -0.12 5.79
CA ARG B 78 19.25 0.83 4.71
C ARG B 78 18.00 1.02 3.85
N CYS B 79 17.86 2.21 3.27
CA CYS B 79 16.82 2.51 2.28
C CYS B 79 17.34 2.06 0.93
N VAL B 80 16.82 0.98 0.37
CA VAL B 80 17.35 0.36 -0.88
C VAL B 80 16.28 0.52 -1.97
N GLY B 81 16.69 1.06 -3.12
CA GLY B 81 15.84 1.22 -4.30
C GLY B 81 16.26 2.43 -5.11
N TRP B 82 15.39 2.90 -6.00
CA TRP B 82 15.70 4.03 -6.91
C TRP B 82 14.46 4.86 -7.24
N ASN B 83 14.63 6.19 -7.32
CA ASN B 83 13.60 7.14 -7.79
C ASN B 83 12.45 7.14 -6.79
N GLY B 84 12.74 7.59 -5.56
CA GLY B 84 11.75 7.72 -4.48
C GLY B 84 12.40 7.97 -3.13
N GLN B 85 11.60 7.85 -2.08
CA GLN B 85 12.04 7.95 -0.66
C GLN B 85 11.44 6.82 0.15
N CYS B 86 12.10 6.46 1.24
CA CYS B 86 11.58 5.58 2.32
C CYS B 86 10.94 6.46 3.41
N SER B 87 10.36 5.85 4.44
N SER B 87 10.22 5.81 4.32
CA SER B 87 10.20 6.46 5.79
CA SER B 87 9.28 6.35 5.35
C SER B 87 9.42 7.78 5.67
C SER B 87 9.44 7.85 5.57
N GLY B 88 8.87 8.07 4.49
N GLY B 88 10.48 8.26 6.31
CA GLY B 88 8.24 9.36 4.12
CA GLY B 88 10.69 9.65 6.80
C GLY B 88 9.21 10.34 3.46
C GLY B 88 11.22 10.58 5.73
N LYS B 89 10.49 10.38 3.87
N LYS B 89 10.94 10.29 4.45
CA LYS B 89 11.40 11.51 3.58
CA LYS B 89 11.39 11.10 3.28
C LYS B 89 12.90 11.13 3.52
C LYS B 89 12.89 10.86 3.07
N VAL B 90 13.25 9.87 3.25
N VAL B 90 13.35 9.66 3.41
CA VAL B 90 14.66 9.37 3.32
CA VAL B 90 14.80 9.27 3.42
C VAL B 90 15.15 8.97 1.92
C VAL B 90 15.22 8.89 1.99
N ALA B 91 16.32 9.49 1.50
CA ALA B 91 16.91 9.20 0.17
C ALA B 91 17.49 7.80 0.11
N PRO B 92 17.49 7.13 -1.06
CA PRO B 92 18.17 5.83 -1.22
C PRO B 92 19.65 5.89 -0.85
N GLY B 93 20.10 4.86 -0.13
CA GLY B 93 21.47 4.69 0.36
C GLY B 93 21.54 4.85 1.87
N THR B 94 20.60 5.60 2.43
CA THR B 94 20.68 6.10 3.82
C THR B 94 20.57 4.93 4.79
N LEU B 95 21.52 4.84 5.70
CA LEU B 95 21.50 3.92 6.86
C LEU B 95 20.78 4.59 8.02
N GLU B 96 20.01 3.78 8.74
CA GLU B 96 19.29 4.15 9.98
C GLU B 96 19.72 3.14 11.05
N TRP B 97 19.91 3.60 12.29
CA TRP B 97 20.54 2.84 13.38
C TRP B 97 19.63 2.70 14.60
N GLN B 98 19.82 1.60 15.35
CA GLN B 98 19.30 1.40 16.73
C GLN B 98 20.45 0.94 17.61
N LEU B 99 20.50 1.47 18.85
CA LEU B 99 21.49 1.15 19.90
C LEU B 99 20.74 0.61 21.11
N GLN B 100 21.31 -0.38 21.79
CA GLN B 100 20.62 -1.20 22.81
C GLN B 100 21.60 -1.57 23.93
N ALA B 101 21.13 -1.61 25.17
CA ALA B 101 21.83 -2.22 26.33
C ALA B 101 21.82 -3.74 26.18
N CYS B 102 22.96 -4.39 26.38
CA CYS B 102 23.14 -5.84 26.21
C CYS B 102 23.96 -6.42 27.37
N GLU B 103 23.74 -7.71 27.69
CA GLU B 103 24.45 -8.48 28.74
C GLU B 103 24.82 -9.86 28.19
N ASP B 104 26.12 -10.20 28.22
CA ASP B 104 26.67 -11.50 27.74
C ASP B 104 26.60 -12.53 28.89
N GLN B 105 27.35 -12.29 29.97
CA GLN B 105 27.45 -13.16 31.16
C GLN B 105 27.23 -12.29 32.41
N GLN B 106 28.21 -12.25 33.32
CA GLN B 106 28.20 -11.44 34.57
C GLN B 106 29.54 -11.60 35.28
N CYS B 107 30.61 -10.99 34.75
CA CYS B 107 32.00 -11.07 35.29
C CYS B 107 32.05 -10.41 36.67
N SER C 2 -35.29 15.51 -14.25
CA SER C 2 -35.60 14.38 -15.17
C SER C 2 -36.37 13.31 -14.38
N ASN C 3 -37.55 12.97 -14.86
CA ASN C 3 -38.47 11.98 -14.22
C ASN C 3 -38.08 10.55 -14.63
N CYS C 4 -36.85 10.33 -15.09
CA CYS C 4 -36.33 9.00 -15.54
C CYS C 4 -35.72 8.25 -14.36
N PHE C 5 -35.05 8.98 -13.49
CA PHE C 5 -34.39 8.50 -12.26
C PHE C 5 -33.94 9.73 -11.47
N ILE C 6 -33.56 9.55 -10.21
CA ILE C 6 -33.06 10.64 -9.33
C ILE C 6 -31.80 11.22 -9.99
N GLN C 7 -31.97 12.28 -10.79
CA GLN C 7 -30.85 13.01 -11.46
C GLN C 7 -30.12 13.78 -10.36
N LYS C 8 -28.79 13.66 -10.28
CA LYS C 8 -27.95 14.35 -9.25
C LYS C 8 -26.89 15.19 -9.97
N ASP C 11 -23.76 20.37 -8.02
CA ASP C 11 -23.27 19.70 -6.78
C ASP C 11 -23.34 18.19 -6.98
N LYS C 12 -22.26 17.48 -6.63
CA LYS C 12 -22.14 16.00 -6.69
C LYS C 12 -22.65 15.41 -5.37
N VAL C 13 -22.87 14.09 -5.32
CA VAL C 13 -23.49 13.40 -4.15
C VAL C 13 -22.41 13.06 -3.12
N THR C 14 -22.69 13.36 -1.85
CA THR C 14 -21.82 13.09 -0.68
C THR C 14 -22.27 11.80 0.02
N LEU C 15 -21.45 11.30 0.94
CA LEU C 15 -21.79 10.11 1.77
C LEU C 15 -22.98 10.46 2.68
N GLU C 16 -22.96 11.61 3.37
CA GLU C 16 -24.08 12.05 4.25
C GLU C 16 -25.36 12.17 3.41
N GLU C 17 -25.26 12.78 2.22
CA GLU C 17 -26.38 12.92 1.25
C GLU C 17 -26.98 11.56 0.96
N ARG C 18 -26.12 10.60 0.59
CA ARG C 18 -26.55 9.27 0.08
C ARG C 18 -27.23 8.49 1.23
N LEU C 19 -26.68 8.54 2.44
CA LEU C 19 -27.28 7.90 3.65
C LEU C 19 -28.66 8.49 3.94
N ASP C 20 -28.86 9.79 3.73
CA ASP C 20 -30.15 10.50 3.99
C ASP C 20 -31.21 10.03 3.00
N LYS C 21 -30.91 10.01 1.70
CA LYS C 21 -31.88 9.76 0.61
C LYS C 21 -32.37 8.31 0.58
N ALA C 22 -31.51 7.37 0.97
CA ALA C 22 -31.78 5.92 1.03
C ALA C 22 -32.56 5.58 2.30
N CYS C 23 -32.86 6.58 3.13
CA CYS C 23 -33.61 6.40 4.41
C CYS C 23 -34.89 7.25 4.38
N GLU C 24 -35.22 7.87 3.25
CA GLU C 24 -36.47 8.62 3.01
C GLU C 24 -37.65 7.67 3.10
N PRO C 25 -38.87 8.16 3.38
CA PRO C 25 -40.02 7.30 3.59
C PRO C 25 -40.37 6.53 2.31
N GLY C 26 -40.70 5.25 2.44
CA GLY C 26 -41.14 4.40 1.32
C GLY C 26 -39.98 3.65 0.65
N VAL C 27 -38.72 4.04 0.89
CA VAL C 27 -37.53 3.37 0.29
C VAL C 27 -37.41 1.97 0.91
N ASP C 28 -37.86 0.94 0.18
CA ASP C 28 -38.09 -0.43 0.73
C ASP C 28 -36.96 -1.38 0.30
N TYR C 29 -36.19 -1.06 -0.75
CA TYR C 29 -35.02 -1.87 -1.16
C TYR C 29 -33.81 -0.96 -1.39
N VAL C 30 -32.63 -1.48 -1.05
CA VAL C 30 -31.32 -0.97 -1.54
C VAL C 30 -30.51 -2.19 -1.97
N TYR C 31 -30.11 -2.26 -3.23
CA TYR C 31 -29.32 -3.39 -3.79
C TYR C 31 -28.00 -2.90 -4.38
N LYS C 32 -26.96 -3.72 -4.20
CA LYS C 32 -25.79 -3.72 -5.12
C LYS C 32 -26.11 -4.77 -6.19
N THR C 33 -26.09 -4.38 -7.46
CA THR C 33 -26.54 -5.24 -8.59
C THR C 33 -25.44 -5.31 -9.66
N ARG C 34 -25.46 -6.39 -10.45
CA ARG C 34 -24.67 -6.56 -11.69
C ARG C 34 -25.68 -6.70 -12.83
N LEU C 35 -25.57 -5.85 -13.87
CA LEU C 35 -26.43 -5.92 -15.08
C LEU C 35 -26.02 -7.12 -15.93
N VAL C 36 -26.74 -8.23 -15.78
CA VAL C 36 -26.43 -9.58 -16.35
C VAL C 36 -26.72 -9.54 -17.86
N LYS C 37 -27.85 -8.94 -18.28
CA LYS C 37 -28.22 -8.80 -19.71
C LYS C 37 -29.28 -7.70 -19.86
N VAL C 38 -29.11 -6.83 -20.86
CA VAL C 38 -30.16 -5.90 -21.37
C VAL C 38 -31.00 -6.68 -22.39
N GLN C 39 -32.30 -6.37 -22.46
CA GLN C 39 -33.21 -6.71 -23.60
C GLN C 39 -34.02 -5.44 -23.89
N LEU C 40 -33.67 -4.71 -24.95
CA LEU C 40 -34.33 -3.43 -25.35
C LEU C 40 -35.61 -3.74 -26.13
N SER C 41 -36.48 -2.74 -26.33
CA SER C 41 -37.75 -2.81 -27.09
C SER C 41 -38.13 -1.42 -27.62
N PHE C 44 -40.94 -0.58 -23.79
CA PHE C 44 -40.26 -0.49 -22.47
C PHE C 44 -39.09 -1.49 -22.43
N ASP C 45 -37.93 -1.05 -21.93
CA ASP C 45 -36.67 -1.82 -21.84
C ASP C 45 -36.67 -2.65 -20.55
N GLU C 46 -36.20 -3.90 -20.57
CA GLU C 46 -36.23 -4.85 -19.43
C GLU C 46 -34.80 -5.20 -19.02
N TYR C 47 -34.23 -4.47 -18.04
CA TYR C 47 -32.82 -4.63 -17.57
C TYR C 47 -32.76 -5.77 -16.55
N ILE C 48 -32.15 -6.90 -16.94
CA ILE C 48 -32.05 -8.12 -16.08
C ILE C 48 -30.87 -7.91 -15.11
N MET C 49 -31.19 -7.71 -13.83
CA MET C 49 -30.21 -7.42 -12.75
C MET C 49 -30.07 -8.65 -11.85
N ALA C 50 -28.83 -9.05 -11.57
CA ALA C 50 -28.45 -10.03 -10.54
C ALA C 50 -28.22 -9.27 -9.24
N ILE C 51 -28.66 -9.79 -8.09
CA ILE C 51 -28.47 -9.11 -6.78
C ILE C 51 -27.19 -9.66 -6.13
N GLU C 52 -26.21 -8.78 -5.88
CA GLU C 52 -24.92 -9.12 -5.24
C GLU C 52 -25.02 -8.90 -3.71
N GLN C 53 -25.69 -7.84 -3.28
CA GLN C 53 -25.91 -7.52 -1.84
C GLN C 53 -27.33 -6.96 -1.66
N THR C 54 -28.07 -7.53 -0.70
CA THR C 54 -29.26 -6.95 -0.04
C THR C 54 -28.77 -5.94 1.00
N ILE C 55 -28.51 -4.69 0.59
CA ILE C 55 -28.05 -3.63 1.54
C ILE C 55 -29.23 -3.25 2.44
N LYS C 56 -30.44 -3.13 1.87
CA LYS C 56 -31.73 -3.06 2.62
C LYS C 56 -32.74 -3.95 1.91
N SER C 57 -33.39 -4.86 2.65
CA SER C 57 -34.44 -5.79 2.18
C SER C 57 -35.80 -5.23 2.57
N GLY C 58 -36.82 -5.46 1.75
CA GLY C 58 -38.18 -4.95 1.98
C GLY C 58 -39.23 -6.01 1.75
N SER C 59 -40.32 -5.60 1.09
CA SER C 59 -41.50 -6.44 0.73
C SER C 59 -41.02 -7.71 0.03
N ASP C 60 -40.06 -7.56 -0.89
CA ASP C 60 -39.48 -8.60 -1.77
C ASP C 60 -38.26 -9.25 -1.07
N GLU C 61 -38.40 -10.51 -0.64
CA GLU C 61 -37.37 -11.27 0.13
C GLU C 61 -36.40 -11.95 -0.85
N VAL C 62 -35.61 -11.15 -1.59
CA VAL C 62 -34.64 -11.66 -2.61
C VAL C 62 -33.48 -12.35 -1.89
N GLN C 63 -33.14 -13.58 -2.30
CA GLN C 63 -31.86 -14.23 -1.91
C GLN C 63 -30.75 -13.62 -2.76
N VAL C 64 -29.54 -13.55 -2.19
CA VAL C 64 -28.31 -13.03 -2.88
C VAL C 64 -27.93 -14.00 -4.01
N GLY C 65 -27.62 -13.46 -5.19
CA GLY C 65 -27.30 -14.24 -6.40
C GLY C 65 -28.54 -14.59 -7.20
N GLN C 66 -29.69 -13.96 -6.91
CA GLN C 66 -30.97 -14.08 -7.68
C GLN C 66 -31.14 -12.84 -8.57
N GLN C 67 -32.05 -12.93 -9.55
CA GLN C 67 -32.24 -11.92 -10.63
C GLN C 67 -33.60 -11.23 -10.53
N ARG C 68 -33.68 -9.96 -10.94
CA ARG C 68 -34.93 -9.16 -10.99
C ARG C 68 -34.90 -8.28 -12.23
N THR C 69 -36.02 -8.19 -12.95
CA THR C 69 -36.15 -7.34 -14.15
C THR C 69 -36.46 -5.92 -13.69
N PHE C 70 -35.72 -4.95 -14.20
CA PHE C 70 -35.99 -3.50 -14.01
C PHE C 70 -36.50 -2.94 -15.34
N ILE C 71 -37.73 -2.40 -15.36
CA ILE C 71 -38.41 -1.85 -16.56
C ILE C 71 -38.16 -0.34 -16.58
N SER C 72 -38.00 0.26 -17.77
CA SER C 72 -37.83 1.73 -17.95
C SER C 72 -38.30 2.17 -19.34
N PRO C 73 -39.08 3.27 -19.46
CA PRO C 73 -39.53 3.75 -20.76
C PRO C 73 -38.41 3.99 -21.77
N ILE C 74 -38.68 3.66 -23.04
CA ILE C 74 -37.83 3.94 -24.23
C ILE C 74 -37.19 5.33 -24.09
N LYS C 75 -37.99 6.31 -23.65
CA LYS C 75 -37.60 7.75 -23.50
C LYS C 75 -36.38 7.89 -22.60
N CYS C 76 -36.18 6.94 -21.67
CA CYS C 76 -35.23 7.04 -20.53
C CYS C 76 -33.96 6.19 -20.75
N ARG C 77 -33.83 5.51 -21.90
CA ARG C 77 -32.69 4.58 -22.20
C ARG C 77 -31.35 5.35 -22.28
N GLU C 78 -31.31 6.44 -23.06
CA GLU C 78 -30.12 7.31 -23.27
C GLU C 78 -29.61 7.85 -21.93
N ALA C 79 -30.52 8.35 -21.09
CA ALA C 79 -30.25 9.05 -19.80
C ALA C 79 -29.69 8.07 -18.76
N LEU C 80 -30.22 6.84 -18.73
CA LEU C 80 -29.81 5.77 -17.79
C LEU C 80 -28.43 5.23 -18.19
N LYS C 81 -28.23 4.99 -19.49
CA LYS C 81 -26.90 4.67 -20.10
C LYS C 81 -26.30 3.43 -19.43
N LEU C 82 -27.12 2.40 -19.19
CA LEU C 82 -26.69 1.17 -18.47
C LEU C 82 -25.97 0.24 -19.46
N GLU C 83 -24.75 -0.19 -19.13
CA GLU C 83 -23.90 -1.11 -19.94
C GLU C 83 -23.84 -2.46 -19.22
N GLU C 84 -23.83 -3.56 -19.97
CA GLU C 84 -23.94 -4.95 -19.45
C GLU C 84 -22.65 -5.35 -18.72
N LYS C 85 -22.78 -6.12 -17.62
CA LYS C 85 -21.68 -6.72 -16.79
C LYS C 85 -21.18 -5.67 -15.77
N LYS C 86 -21.71 -4.45 -15.83
CA LYS C 86 -21.40 -3.33 -14.89
C LYS C 86 -22.21 -3.50 -13.62
N HIS C 87 -21.74 -2.90 -12.53
CA HIS C 87 -22.37 -2.92 -11.19
C HIS C 87 -23.03 -1.56 -10.93
N TYR C 88 -24.12 -1.56 -10.15
CA TYR C 88 -24.92 -0.37 -9.83
C TYR C 88 -25.42 -0.45 -8.38
N LEU C 89 -25.43 0.69 -7.68
CA LEU C 89 -26.23 0.90 -6.44
C LEU C 89 -27.62 1.32 -6.86
N MET C 90 -28.64 0.60 -6.40
CA MET C 90 -30.05 0.86 -6.73
C MET C 90 -30.92 0.88 -5.47
N TRP C 91 -31.83 1.84 -5.38
CA TRP C 91 -32.91 1.87 -4.37
C TRP C 91 -34.13 2.63 -4.91
N GLY C 92 -35.30 2.29 -4.40
CA GLY C 92 -36.57 2.87 -4.87
C GLY C 92 -37.68 2.64 -3.88
N LEU C 93 -38.91 2.91 -4.27
CA LEU C 93 -40.07 2.91 -3.36
C LEU C 93 -40.81 1.56 -3.45
N SER C 94 -41.58 1.24 -2.42
CA SER C 94 -42.65 0.21 -2.42
C SER C 94 -43.53 0.41 -3.67
N SER C 95 -43.98 1.66 -3.90
CA SER C 95 -44.85 2.11 -5.03
C SER C 95 -44.36 1.54 -6.38
N ASP C 96 -43.05 1.40 -6.60
CA ASP C 96 -42.43 1.11 -7.92
C ASP C 96 -42.25 -0.42 -8.09
N PHE C 97 -43.12 -1.22 -7.47
CA PHE C 97 -43.14 -2.71 -7.60
C PHE C 97 -44.24 -3.14 -8.58
N TRP C 98 -43.91 -4.00 -9.55
CA TRP C 98 -44.84 -4.60 -10.54
C TRP C 98 -45.02 -6.09 -10.24
N LEU C 104 -42.42 -11.07 -9.99
CA LEU C 104 -42.29 -9.64 -9.58
C LEU C 104 -41.09 -8.99 -10.29
N SER C 105 -41.16 -7.66 -10.46
CA SER C 105 -40.23 -6.81 -11.24
C SER C 105 -40.28 -5.40 -10.65
N TYR C 106 -39.35 -4.52 -11.06
CA TYR C 106 -39.20 -3.14 -10.51
C TYR C 106 -39.31 -2.12 -11.63
N ILE C 107 -40.02 -1.02 -11.37
CA ILE C 107 -40.08 0.17 -12.27
C ILE C 107 -38.97 1.11 -11.85
N ILE C 108 -38.27 1.68 -12.82
CA ILE C 108 -37.34 2.82 -12.57
C ILE C 108 -38.09 4.10 -12.90
N GLY C 109 -38.29 4.97 -11.90
CA GLY C 109 -38.96 6.27 -12.05
C GLY C 109 -38.19 7.37 -11.34
N LYS C 110 -38.82 8.54 -11.20
CA LYS C 110 -38.22 9.78 -10.65
C LYS C 110 -37.65 9.53 -9.25
N ASP C 111 -38.17 8.54 -8.52
CA ASP C 111 -37.80 8.22 -7.11
C ASP C 111 -36.86 7.01 -7.04
N THR C 112 -36.20 6.64 -8.14
CA THR C 112 -35.28 5.47 -8.20
C THR C 112 -33.83 5.96 -8.33
N TRP C 113 -32.99 5.55 -7.39
CA TRP C 113 -31.52 5.79 -7.38
C TRP C 113 -30.82 4.70 -8.20
N VAL C 114 -30.09 5.13 -9.22
CA VAL C 114 -29.25 4.26 -10.08
C VAL C 114 -27.88 4.92 -10.18
N GLU C 115 -26.88 4.37 -9.50
CA GLU C 115 -25.50 4.93 -9.50
C GLU C 115 -24.55 3.86 -10.03
N HIS C 116 -23.76 4.22 -11.03
CA HIS C 116 -22.62 3.39 -11.53
C HIS C 116 -21.69 3.10 -10.34
N TRP C 117 -21.41 1.83 -10.07
CA TRP C 117 -20.49 1.41 -9.00
C TRP C 117 -19.19 0.89 -9.62
N PRO C 118 -18.08 1.67 -9.63
CA PRO C 118 -16.88 1.26 -10.34
C PRO C 118 -16.34 -0.12 -9.90
N GLU C 119 -15.79 -0.87 -10.86
CA GLU C 119 -15.21 -2.22 -10.67
C GLU C 119 -14.01 -2.09 -9.72
N GLU C 120 -13.82 -3.07 -8.85
CA GLU C 120 -12.84 -3.05 -7.73
C GLU C 120 -11.44 -2.62 -8.23
N ASP C 121 -11.06 -2.93 -9.47
CA ASP C 121 -9.71 -2.58 -10.01
C ASP C 121 -9.69 -1.08 -10.39
N GLU C 122 -10.78 -0.54 -10.95
CA GLU C 122 -10.80 0.85 -11.46
C GLU C 122 -11.09 1.85 -10.34
N CYS C 123 -11.42 1.38 -9.14
CA CYS C 123 -11.60 2.22 -7.92
C CYS C 123 -10.28 2.89 -7.50
N GLN C 124 -9.14 2.28 -7.88
CA GLN C 124 -7.77 2.75 -7.55
C GLN C 124 -7.46 4.01 -8.38
N ASP C 125 -8.14 4.19 -9.51
CA ASP C 125 -8.03 5.41 -10.36
C ASP C 125 -8.46 6.64 -9.53
N GLU C 126 -7.67 7.71 -9.56
CA GLU C 126 -7.85 8.97 -8.79
C GLU C 126 -9.25 9.54 -9.02
N GLU C 127 -9.82 9.37 -10.22
CA GLU C 127 -11.15 9.92 -10.59
C GLU C 127 -12.25 9.10 -9.91
N ASN C 128 -11.92 7.98 -9.26
CA ASN C 128 -12.92 7.05 -8.67
C ASN C 128 -12.73 6.89 -7.16
N GLN C 129 -11.58 7.26 -6.60
CA GLN C 129 -11.20 6.88 -5.22
C GLN C 129 -12.29 7.32 -4.23
N LYS C 130 -12.80 8.55 -4.36
CA LYS C 130 -13.73 9.12 -3.35
C LYS C 130 -15.07 8.42 -3.43
N GLN C 131 -15.60 8.21 -4.62
CA GLN C 131 -16.92 7.55 -4.78
C GLN C 131 -16.87 6.14 -4.17
N CYS C 132 -15.80 5.37 -4.46
CA CYS C 132 -15.67 3.96 -4.02
C CYS C 132 -15.52 3.91 -2.50
N GLN C 133 -14.74 4.83 -1.93
CA GLN C 133 -14.64 4.99 -0.47
C GLN C 133 -16.04 5.27 0.10
N ASP C 134 -16.78 6.21 -0.50
CA ASP C 134 -18.12 6.60 0.00
C ASP C 134 -19.07 5.40 -0.04
N LEU C 135 -19.11 4.64 -1.14
CA LEU C 135 -20.05 3.49 -1.32
C LEU C 135 -19.72 2.37 -0.33
N GLY C 136 -18.44 2.07 -0.13
CA GLY C 136 -17.99 1.10 0.88
C GLY C 136 -18.46 1.51 2.25
N ALA C 137 -18.41 2.82 2.56
CA ALA C 137 -18.77 3.40 3.88
C ALA C 137 -20.29 3.41 4.03
N PHE C 138 -20.99 3.77 2.96
CA PHE C 138 -22.47 3.81 2.85
C PHE C 138 -22.99 2.41 3.13
N THR C 139 -22.47 1.45 2.38
CA THR C 139 -22.86 0.02 2.45
C THR C 139 -22.76 -0.44 3.90
N GLU C 140 -21.58 -0.29 4.51
CA GLU C 140 -21.27 -0.75 5.90
C GLU C 140 -22.25 -0.09 6.89
N SER C 141 -22.41 1.24 6.82
CA SER C 141 -23.35 1.98 7.71
C SER C 141 -24.74 1.37 7.57
N MET C 142 -25.21 1.16 6.35
CA MET C 142 -26.59 0.67 6.12
C MET C 142 -26.75 -0.74 6.69
N VAL C 143 -25.82 -1.64 6.40
CA VAL C 143 -25.94 -3.08 6.78
C VAL C 143 -25.93 -3.17 8.31
N VAL C 144 -24.98 -2.52 8.99
CA VAL C 144 -24.73 -2.66 10.45
C VAL C 144 -25.72 -1.81 11.26
N PHE C 145 -25.85 -0.51 10.95
CA PHE C 145 -26.60 0.47 11.77
C PHE C 145 -28.05 0.60 11.29
N GLY C 146 -28.29 0.48 9.98
CA GLY C 146 -29.62 0.65 9.37
C GLY C 146 -29.93 2.11 9.15
N CYS C 147 -31.21 2.48 9.01
CA CYS C 147 -31.68 3.87 8.88
C CYS C 147 -32.03 4.43 10.25
N PRO C 148 -31.79 5.73 10.50
CA PRO C 148 -32.20 6.38 11.74
C PRO C 148 -33.72 6.57 11.81
N ASN C 149 -34.25 6.64 13.03
CA ASN C 149 -35.68 6.87 13.35
C ASN C 149 -36.51 5.72 12.76
#